data_1P39
#
_entry.id   1P39
#
_cell.length_a   84.600
_cell.length_b   67.300
_cell.length_c   79.600
_cell.angle_alpha   90.00
_cell.angle_beta   117.30
_cell.angle_gamma   90.00
#
_symmetry.space_group_name_H-M   'C 1 2 1'
#
loop_
_entity.id
_entity.type
_entity.pdbx_description
1 polymer VP39
2 non-polymer S-ADENOSYL-L-HOMOCYSTEINE
3 non-polymer "7N-METHYL-8-HYDROGUANOSINE-5'-TRIPHOSPHATE"
4 water water
#
_entity_poly.entity_id   1
_entity_poly.type   'polypeptide(L)'
_entity_poly.pdbx_seq_one_letter_code
;GSPGISGGGGGILDSMDVVSLDKPFMYFEEIDNELDYEPESANEVAKKLPYQGQLKLLLGELFFLSKLQRHGILDGATVV
YIGSAPGTHIRYLRDHFYNLGVIIKWMLIDGRHHDPILNGLRDVTLVTRFVDEEYLRSIKKQLHPSKIILISDVRSKRGG
NEPSTADLLSNYALQNVMISILNPVASSLKWRCPFPDQWIKDFYIPHGNKMLQPFAPSYSAEMRLLSIYTGENMRLTRVT
KSDAVNYEKKMYYLNKIVRNKVVVNFDYPNQEYDYFHMYFMLRTVYCNKTFPTTKAKVLFLQQSIFRFLNIPTTSTEKVS
HE
;
_entity_poly.pdbx_strand_id   A
#
# COMPACT_ATOMS: atom_id res chain seq x y z
N MET A 16 4.55 26.02 -17.29
CA MET A 16 4.68 24.67 -16.69
C MET A 16 5.17 24.79 -15.24
N ASP A 17 4.74 23.86 -14.39
CA ASP A 17 5.05 23.86 -12.96
C ASP A 17 6.33 23.08 -12.59
N VAL A 18 7.49 23.67 -12.84
CA VAL A 18 8.77 22.99 -12.60
C VAL A 18 9.49 23.20 -11.26
N VAL A 19 10.35 22.25 -10.89
CA VAL A 19 11.09 22.29 -9.63
C VAL A 19 12.20 21.22 -9.61
N SER A 20 13.18 21.40 -8.73
CA SER A 20 14.26 20.46 -8.58
C SER A 20 14.13 19.89 -7.19
N LEU A 21 14.12 18.56 -7.11
CA LEU A 21 13.97 17.88 -5.84
C LEU A 21 15.08 16.89 -5.70
N ASP A 22 15.47 16.68 -4.46
CA ASP A 22 16.49 15.72 -4.15
C ASP A 22 15.81 14.37 -4.20
N LYS A 23 14.89 14.19 -3.27
CA LYS A 23 14.14 12.97 -3.13
C LYS A 23 12.67 13.33 -2.97
N PRO A 24 11.77 12.32 -3.06
CA PRO A 24 10.35 12.64 -2.88
C PRO A 24 9.96 12.33 -1.43
N PHE A 25 8.76 12.71 -1.02
CA PHE A 25 8.29 12.40 0.32
C PHE A 25 7.87 10.91 0.25
N MET A 26 8.55 10.08 1.03
CA MET A 26 8.29 8.66 1.09
C MET A 26 7.31 8.33 2.21
N TYR A 27 7.41 9.07 3.30
CA TYR A 27 6.54 8.84 4.47
C TYR A 27 5.79 10.10 4.91
N PHE A 28 4.67 9.90 5.61
CA PHE A 28 3.83 11.01 6.07
C PHE A 28 4.61 12.08 6.84
N GLU A 29 5.46 11.61 7.75
CA GLU A 29 6.25 12.46 8.61
C GLU A 29 7.21 13.38 7.90
N GLU A 30 7.51 13.07 6.64
CA GLU A 30 8.43 13.90 5.89
C GLU A 30 7.76 15.13 5.34
N ILE A 31 6.43 15.08 5.15
CA ILE A 31 5.73 16.23 4.59
C ILE A 31 6.00 17.44 5.49
N ASP A 32 6.73 18.40 4.93
CA ASP A 32 7.17 19.60 5.63
C ASP A 32 6.33 20.86 5.42
N ASN A 33 5.06 20.72 5.10
CA ASN A 33 4.25 21.90 4.90
C ASN A 33 2.79 21.46 4.86
N GLU A 34 1.87 22.42 4.94
CA GLU A 34 0.44 22.11 4.94
C GLU A 34 -0.39 23.17 4.26
N LEU A 35 -1.62 22.81 3.91
CA LEU A 35 -2.51 23.72 3.21
C LEU A 35 -3.91 23.47 3.71
N ASP A 36 -4.71 24.54 3.77
CA ASP A 36 -6.10 24.41 4.22
C ASP A 36 -6.82 23.62 3.14
N TYR A 37 -7.48 22.55 3.54
CA TYR A 37 -8.22 21.74 2.60
C TYR A 37 -9.33 22.54 1.93
N GLU A 38 -9.36 22.51 0.60
CA GLU A 38 -10.36 23.21 -0.20
C GLU A 38 -11.32 22.16 -0.69
N PRO A 39 -12.56 22.15 -0.16
CA PRO A 39 -13.58 21.17 -0.56
C PRO A 39 -13.87 21.10 -2.04
N GLU A 40 -13.47 22.12 -2.78
CA GLU A 40 -13.69 22.17 -4.23
C GLU A 40 -12.76 21.17 -4.97
N SER A 41 -11.75 20.68 -4.27
CA SER A 41 -10.79 19.73 -4.81
C SER A 41 -11.46 18.38 -5.12
N ALA A 42 -12.55 18.11 -4.39
CA ALA A 42 -13.32 16.87 -4.54
C ALA A 42 -13.98 16.73 -5.90
N ASN A 43 -14.10 17.85 -6.62
CA ASN A 43 -14.71 17.87 -7.95
C ASN A 43 -13.68 17.80 -9.06
N GLU A 44 -12.42 17.73 -8.69
CA GLU A 44 -11.35 17.64 -9.66
C GLU A 44 -11.06 16.20 -10.02
N VAL A 45 -10.55 15.99 -11.23
CA VAL A 45 -10.20 14.68 -11.77
C VAL A 45 -9.34 13.86 -10.80
N ALA A 46 -9.88 12.73 -10.34
CA ALA A 46 -9.20 11.85 -9.39
C ALA A 46 -8.14 10.93 -10.01
N LYS A 47 -8.23 10.68 -11.30
CA LYS A 47 -7.25 9.81 -11.93
C LYS A 47 -6.96 10.12 -13.39
N LYS A 48 -5.70 9.90 -13.76
CA LYS A 48 -5.24 10.18 -15.10
C LYS A 48 -4.79 8.97 -15.91
N LEU A 49 -4.65 7.81 -15.24
CA LEU A 49 -4.18 6.60 -15.90
C LEU A 49 -5.16 5.47 -15.77
N PRO A 50 -5.28 4.62 -16.80
CA PRO A 50 -6.21 3.49 -16.71
C PRO A 50 -5.59 2.48 -15.71
N TYR A 51 -6.46 1.82 -14.95
CA TYR A 51 -6.05 0.86 -13.94
C TYR A 51 -5.09 1.49 -12.93
N GLN A 52 -5.21 2.80 -12.72
CA GLN A 52 -4.32 3.51 -11.81
C GLN A 52 -4.36 2.96 -10.39
N GLY A 53 -5.53 2.46 -9.98
CA GLY A 53 -5.67 1.89 -8.65
C GLY A 53 -4.88 0.59 -8.48
N GLN A 54 -4.75 -0.21 -9.56
CA GLN A 54 -3.98 -1.46 -9.48
C GLN A 54 -2.52 -1.09 -9.40
N LEU A 55 -2.16 -0.04 -10.13
CA LEU A 55 -0.79 0.49 -10.15
C LEU A 55 -0.43 0.98 -8.75
N LYS A 56 -1.31 1.78 -8.15
CA LYS A 56 -1.11 2.31 -6.80
C LYS A 56 -0.81 1.17 -5.83
N LEU A 57 -1.68 0.16 -5.82
CA LEU A 57 -1.51 -1.01 -4.94
C LEU A 57 -0.26 -1.83 -5.24
N LEU A 58 0.02 -2.02 -6.52
CA LEU A 58 1.19 -2.80 -6.92
C LEU A 58 2.48 -2.20 -6.40
N LEU A 59 2.68 -0.90 -6.61
CA LEU A 59 3.91 -0.25 -6.14
C LEU A 59 4.07 -0.30 -4.63
N GLY A 60 3.01 0.03 -3.91
CA GLY A 60 3.08 0.00 -2.46
C GLY A 60 3.38 -1.37 -1.92
N GLU A 61 2.71 -2.38 -2.44
CA GLU A 61 2.95 -3.75 -1.98
C GLU A 61 4.29 -4.32 -2.44
N LEU A 62 4.80 -3.87 -3.60
CA LEU A 62 6.12 -4.33 -4.07
C LEU A 62 7.14 -3.71 -3.14
N PHE A 63 6.91 -2.45 -2.80
CA PHE A 63 7.77 -1.70 -1.87
C PHE A 63 7.82 -2.40 -0.51
N PHE A 64 6.66 -2.63 0.08
CA PHE A 64 6.56 -3.31 1.36
C PHE A 64 7.19 -4.71 1.39
N LEU A 65 6.80 -5.57 0.45
CA LEU A 65 7.32 -6.94 0.38
C LEU A 65 8.85 -7.02 0.12
N SER A 66 9.39 -6.10 -0.68
CA SER A 66 10.83 -6.07 -0.95
C SER A 66 11.62 -5.77 0.33
N LYS A 67 11.04 -4.96 1.21
CA LYS A 67 11.61 -4.59 2.49
C LYS A 67 11.71 -5.83 3.36
N LEU A 68 10.61 -6.58 3.44
CA LEU A 68 10.56 -7.81 4.23
C LEU A 68 11.61 -8.79 3.73
N GLN A 69 11.77 -8.87 2.41
CA GLN A 69 12.76 -9.75 1.79
C GLN A 69 14.14 -9.30 2.27
N ARG A 70 14.35 -7.99 2.26
CA ARG A 70 15.60 -7.38 2.69
C ARG A 70 15.91 -7.73 4.14
N HIS A 71 14.87 -7.84 4.97
CA HIS A 71 15.02 -8.20 6.38
C HIS A 71 14.98 -9.70 6.61
N GLY A 72 14.89 -10.45 5.52
CA GLY A 72 14.86 -11.90 5.59
C GLY A 72 13.60 -12.51 6.19
N ILE A 73 12.47 -11.81 6.10
CA ILE A 73 11.26 -12.36 6.67
C ILE A 73 10.16 -12.74 5.69
N LEU A 74 10.45 -12.61 4.40
CA LEU A 74 9.48 -12.94 3.37
C LEU A 74 9.43 -14.45 3.04
N ASP A 75 10.60 -15.00 2.74
CA ASP A 75 10.75 -16.39 2.35
C ASP A 75 10.19 -17.34 3.39
N GLY A 76 9.25 -18.17 2.97
CA GLY A 76 8.66 -19.14 3.86
C GLY A 76 7.40 -18.63 4.52
N ALA A 77 7.01 -17.39 4.23
CA ALA A 77 5.82 -16.82 4.83
C ALA A 77 4.57 -17.10 4.03
N THR A 78 3.42 -16.96 4.68
CA THR A 78 2.15 -17.08 3.99
C THR A 78 1.63 -15.66 3.97
N VAL A 79 1.33 -15.12 2.81
CA VAL A 79 0.81 -13.77 2.75
C VAL A 79 -0.72 -13.84 2.78
N VAL A 80 -1.32 -13.37 3.88
CA VAL A 80 -2.77 -13.33 4.01
C VAL A 80 -3.21 -11.92 3.58
N TYR A 81 -3.83 -11.83 2.40
CA TYR A 81 -4.31 -10.59 1.83
C TYR A 81 -5.83 -10.60 1.95
N ILE A 82 -6.35 -9.73 2.80
CA ILE A 82 -7.79 -9.60 3.06
C ILE A 82 -8.26 -8.35 2.32
N GLY A 83 -9.31 -8.50 1.53
CA GLY A 83 -9.80 -7.40 0.71
C GLY A 83 -8.99 -7.41 -0.58
N SER A 84 -8.67 -8.61 -1.06
CA SER A 84 -7.84 -8.83 -2.26
C SER A 84 -8.45 -8.74 -3.67
N ALA A 85 -9.77 -8.88 -3.80
CA ALA A 85 -10.47 -8.86 -5.08
C ALA A 85 -10.76 -7.50 -5.68
N PRO A 86 -10.63 -7.37 -7.01
CA PRO A 86 -10.24 -8.41 -7.99
C PRO A 86 -8.80 -8.90 -7.86
N GLY A 87 -7.90 -8.01 -7.47
CA GLY A 87 -6.52 -8.42 -7.27
C GLY A 87 -5.67 -8.70 -8.48
N THR A 88 -6.06 -8.12 -9.61
CA THR A 88 -5.34 -8.27 -10.87
C THR A 88 -3.84 -8.05 -10.67
N HIS A 89 -3.48 -6.92 -10.04
CA HIS A 89 -2.07 -6.57 -9.80
C HIS A 89 -1.34 -7.59 -8.94
N ILE A 90 -2.07 -8.33 -8.11
CA ILE A 90 -1.46 -9.34 -7.22
C ILE A 90 -0.72 -10.45 -8.03
N ARG A 91 -1.23 -10.74 -9.24
CA ARG A 91 -0.63 -11.74 -10.09
C ARG A 91 0.77 -11.27 -10.42
N TYR A 92 0.98 -9.97 -10.66
CA TYR A 92 2.33 -9.46 -10.93
C TYR A 92 3.25 -9.67 -9.71
N LEU A 93 2.76 -9.33 -8.51
CA LEU A 93 3.55 -9.51 -7.29
C LEU A 93 3.97 -10.95 -7.07
N ARG A 94 3.01 -11.85 -7.20
CA ARG A 94 3.27 -13.26 -7.04
C ARG A 94 4.35 -13.75 -8.03
N ASP A 95 4.23 -13.37 -9.29
CA ASP A 95 5.20 -13.78 -10.31
C ASP A 95 6.58 -13.25 -9.98
N HIS A 96 6.64 -11.99 -9.56
CA HIS A 96 7.91 -11.35 -9.24
C HIS A 96 8.69 -12.09 -8.18
N PHE A 97 8.05 -12.46 -7.07
CA PHE A 97 8.78 -13.17 -6.02
C PHE A 97 9.00 -14.64 -6.32
N TYR A 98 8.06 -15.21 -7.05
CA TYR A 98 8.11 -16.61 -7.48
C TYR A 98 9.31 -16.78 -8.41
N ASN A 99 9.47 -15.82 -9.31
CA ASN A 99 10.59 -15.85 -10.26
C ASN A 99 11.93 -15.53 -9.60
N LEU A 100 11.89 -14.93 -8.41
CA LEU A 100 13.11 -14.61 -7.70
C LEU A 100 13.52 -15.80 -6.84
N GLY A 101 12.69 -16.84 -6.81
CA GLY A 101 13.04 -17.99 -6.01
C GLY A 101 12.56 -17.91 -4.58
N VAL A 102 11.86 -16.83 -4.23
CA VAL A 102 11.33 -16.71 -2.89
C VAL A 102 10.15 -17.65 -2.78
N ILE A 103 10.10 -18.43 -1.72
CA ILE A 103 9.03 -19.38 -1.48
C ILE A 103 7.93 -18.69 -0.64
N ILE A 104 6.76 -18.47 -1.21
CA ILE A 104 5.65 -17.81 -0.52
C ILE A 104 4.31 -18.45 -0.90
N LYS A 105 3.39 -18.51 0.04
CA LYS A 105 2.04 -19.02 -0.23
C LYS A 105 1.17 -17.78 -0.11
N TRP A 106 0.20 -17.64 -0.98
CA TRP A 106 -0.69 -16.51 -0.95
C TRP A 106 -2.07 -17.04 -0.62
N MET A 107 -2.77 -16.32 0.25
CA MET A 107 -4.12 -16.67 0.63
C MET A 107 -4.91 -15.38 0.46
N LEU A 108 -5.69 -15.32 -0.60
CA LEU A 108 -6.44 -14.14 -0.93
C LEU A 108 -7.89 -14.36 -0.54
N ILE A 109 -8.36 -13.52 0.37
CA ILE A 109 -9.72 -13.60 0.91
C ILE A 109 -10.57 -12.32 0.69
N ASP A 110 -11.72 -12.49 0.08
CA ASP A 110 -12.61 -11.38 -0.19
C ASP A 110 -13.93 -12.08 -0.49
N GLY A 111 -15.06 -11.38 -0.28
CA GLY A 111 -16.34 -11.98 -0.58
C GLY A 111 -16.64 -11.82 -2.07
N ARG A 112 -15.89 -10.92 -2.71
CA ARG A 112 -16.01 -10.65 -4.14
C ARG A 112 -15.09 -11.62 -4.89
N HIS A 113 -15.28 -11.76 -6.20
CA HIS A 113 -14.45 -12.67 -6.96
C HIS A 113 -13.16 -12.10 -7.51
N HIS A 114 -12.14 -12.95 -7.48
CA HIS A 114 -10.83 -12.57 -7.96
C HIS A 114 -10.72 -12.68 -9.47
N ASP A 115 -9.73 -11.96 -10.00
CA ASP A 115 -9.44 -11.97 -11.43
C ASP A 115 -9.02 -13.42 -11.75
N PRO A 116 -9.62 -14.03 -12.79
CA PRO A 116 -9.27 -15.41 -13.16
C PRO A 116 -7.79 -15.66 -13.45
N ILE A 117 -6.99 -14.60 -13.64
CA ILE A 117 -5.56 -14.78 -13.87
C ILE A 117 -4.85 -15.34 -12.62
N LEU A 118 -5.55 -15.31 -11.49
CA LEU A 118 -5.03 -15.79 -10.20
C LEU A 118 -5.29 -17.26 -9.99
N ASN A 119 -6.15 -17.84 -10.81
CA ASN A 119 -6.46 -19.27 -10.71
C ASN A 119 -5.33 -20.14 -11.25
N GLY A 120 -5.38 -21.41 -10.83
CA GLY A 120 -4.42 -22.40 -11.30
C GLY A 120 -2.99 -22.34 -10.82
N LEU A 121 -2.76 -21.65 -9.71
CA LEU A 121 -1.42 -21.53 -9.17
C LEU A 121 -1.49 -22.27 -7.86
N ARG A 122 -0.66 -23.29 -7.68
CA ARG A 122 -0.68 -24.06 -6.45
C ARG A 122 -0.30 -23.25 -5.21
N ASP A 123 0.50 -22.20 -5.43
CA ASP A 123 0.96 -21.33 -4.34
C ASP A 123 -0.04 -20.24 -3.96
N VAL A 124 -1.14 -20.14 -4.70
CA VAL A 124 -2.16 -19.17 -4.37
C VAL A 124 -3.58 -19.73 -4.21
N THR A 125 -4.07 -19.54 -2.98
CA THR A 125 -5.39 -19.97 -2.56
C THR A 125 -6.35 -18.79 -2.54
N LEU A 126 -7.43 -18.90 -3.31
CA LEU A 126 -8.46 -17.87 -3.38
C LEU A 126 -9.62 -18.31 -2.48
N VAL A 127 -10.05 -17.41 -1.61
CA VAL A 127 -11.14 -17.70 -0.69
C VAL A 127 -12.23 -16.67 -0.89
N THR A 128 -13.47 -17.14 -1.03
CA THR A 128 -14.60 -16.23 -1.23
C THR A 128 -15.35 -16.18 0.10
N ARG A 129 -14.91 -15.28 0.96
CA ARG A 129 -15.46 -15.12 2.31
C ARG A 129 -15.22 -13.72 2.81
N PHE A 130 -16.19 -13.15 3.48
CA PHE A 130 -16.00 -11.86 4.10
C PHE A 130 -15.53 -12.30 5.49
N VAL A 131 -14.34 -11.85 5.89
CA VAL A 131 -13.80 -12.26 7.17
C VAL A 131 -14.41 -11.52 8.37
N ASP A 132 -14.60 -12.26 9.46
CA ASP A 132 -15.06 -11.72 10.72
C ASP A 132 -14.03 -12.30 11.67
N GLU A 133 -14.05 -11.84 12.91
CA GLU A 133 -13.12 -12.28 13.94
C GLU A 133 -13.02 -13.80 14.12
N GLU A 134 -14.18 -14.45 14.10
CA GLU A 134 -14.26 -15.90 14.24
C GLU A 134 -13.56 -16.64 13.10
N TYR A 135 -13.77 -16.16 11.88
CA TYR A 135 -13.16 -16.75 10.71
C TYR A 135 -11.66 -16.56 10.83
N LEU A 136 -11.23 -15.39 11.28
CA LEU A 136 -9.79 -15.14 11.45
C LEU A 136 -9.20 -16.20 12.37
N ARG A 137 -9.95 -16.55 13.42
CA ARG A 137 -9.51 -17.55 14.39
C ARG A 137 -9.33 -18.92 13.72
N SER A 138 -10.26 -19.29 12.87
CA SER A 138 -10.16 -20.57 12.19
C SER A 138 -9.02 -20.65 11.18
N ILE A 139 -8.75 -19.56 10.46
CA ILE A 139 -7.65 -19.58 9.50
C ILE A 139 -6.34 -19.50 10.24
N LYS A 140 -6.34 -18.92 11.43
CA LYS A 140 -5.13 -18.87 12.22
C LYS A 140 -4.83 -20.30 12.65
N LYS A 141 -5.84 -21.00 13.17
CA LYS A 141 -5.68 -22.39 13.58
C LYS A 141 -5.29 -23.22 12.37
N GLN A 142 -5.82 -22.88 11.19
CA GLN A 142 -5.49 -23.65 9.98
C GLN A 142 -4.15 -23.31 9.32
N LEU A 143 -3.67 -22.09 9.49
CA LEU A 143 -2.39 -21.70 8.91
C LEU A 143 -1.25 -22.24 9.77
N HIS A 144 -1.52 -22.35 11.07
CA HIS A 144 -0.56 -22.83 12.04
C HIS A 144 0.22 -24.05 11.53
N PRO A 145 1.55 -24.04 11.68
CA PRO A 145 2.40 -23.01 12.29
C PRO A 145 3.16 -22.08 11.34
N SER A 146 2.58 -21.71 10.21
CA SER A 146 3.30 -20.83 9.30
C SER A 146 3.36 -19.37 9.79
N LYS A 147 4.41 -18.66 9.37
CA LYS A 147 4.64 -17.25 9.69
C LYS A 147 3.76 -16.49 8.74
N ILE A 148 2.99 -15.53 9.28
CA ILE A 148 2.04 -14.76 8.48
C ILE A 148 2.39 -13.31 8.22
N ILE A 149 2.18 -12.89 6.98
CA ILE A 149 2.41 -11.51 6.56
C ILE A 149 1.01 -11.07 6.15
N LEU A 150 0.49 -10.04 6.83
CA LEU A 150 -0.84 -9.56 6.55
C LEU A 150 -0.84 -8.32 5.70
N ILE A 151 -1.74 -8.31 4.71
CA ILE A 151 -1.95 -7.16 3.84
C ILE A 151 -3.46 -7.00 3.86
N SER A 152 -3.90 -5.80 4.23
CA SER A 152 -5.32 -5.52 4.29
C SER A 152 -5.70 -4.34 3.42
N ASP A 153 -6.75 -4.52 2.63
CA ASP A 153 -7.24 -3.46 1.78
C ASP A 153 -8.76 -3.48 1.84
N VAL A 154 -9.32 -3.94 2.95
CA VAL A 154 -10.77 -4.02 3.06
C VAL A 154 -11.43 -2.64 2.98
N ARG A 155 -12.60 -2.58 2.36
CA ARG A 155 -13.34 -1.34 2.20
C ARG A 155 -14.80 -1.67 2.46
N SER A 156 -15.44 -0.81 3.26
CA SER A 156 -16.84 -0.95 3.66
C SER A 156 -17.84 -0.91 2.50
N PRO A 163 -15.83 5.40 3.55
CA PRO A 163 -17.08 6.18 3.40
C PRO A 163 -17.30 6.98 4.68
N SER A 164 -18.21 6.53 5.53
CA SER A 164 -18.47 7.23 6.78
C SER A 164 -17.30 7.02 7.74
N THR A 165 -17.24 7.87 8.77
CA THR A 165 -16.20 7.73 9.78
C THR A 165 -16.57 6.48 10.56
N ALA A 166 -17.86 6.20 10.63
CA ALA A 166 -18.38 5.00 11.30
C ALA A 166 -17.87 3.75 10.56
N ASP A 167 -17.89 3.79 9.23
CA ASP A 167 -17.37 2.70 8.40
C ASP A 167 -15.88 2.52 8.63
N LEU A 168 -15.13 3.63 8.50
CA LEU A 168 -13.69 3.61 8.71
C LEU A 168 -13.31 2.98 10.03
N LEU A 169 -13.83 3.54 11.12
CA LEU A 169 -13.53 3.04 12.47
C LEU A 169 -13.74 1.51 12.58
N SER A 170 -14.82 1.05 11.99
CA SER A 170 -15.16 -0.34 11.98
C SER A 170 -14.09 -1.13 11.22
N ASN A 171 -13.59 -0.57 10.12
CA ASN A 171 -12.53 -1.19 9.29
C ASN A 171 -11.24 -1.28 10.08
N TYR A 172 -10.86 -0.15 10.72
CA TYR A 172 -9.64 -0.06 11.53
C TYR A 172 -9.71 -1.02 12.70
N ALA A 173 -10.90 -1.16 13.26
CA ALA A 173 -11.13 -2.07 14.37
C ALA A 173 -10.93 -3.52 13.86
N LEU A 174 -11.41 -3.82 12.66
CA LEU A 174 -11.24 -5.16 12.08
C LEU A 174 -9.76 -5.44 11.80
N GLN A 175 -9.06 -4.45 11.25
CA GLN A 175 -7.65 -4.57 10.96
C GLN A 175 -6.82 -4.81 12.22
N ASN A 176 -7.20 -4.22 13.35
CA ASN A 176 -6.44 -4.46 14.58
C ASN A 176 -6.71 -5.87 15.11
N VAL A 177 -7.91 -6.40 14.88
CA VAL A 177 -8.27 -7.76 15.28
C VAL A 177 -7.56 -8.77 14.38
N MET A 178 -7.26 -8.34 13.16
CA MET A 178 -6.52 -9.15 12.19
C MET A 178 -5.13 -9.40 12.76
N ILE A 179 -4.49 -8.34 13.24
CA ILE A 179 -3.15 -8.42 13.81
C ILE A 179 -3.10 -9.20 15.12
N SER A 180 -4.11 -9.01 15.95
CA SER A 180 -4.15 -9.70 17.24
C SER A 180 -4.44 -11.18 17.13
N ILE A 181 -5.29 -11.57 16.18
CA ILE A 181 -5.62 -13.00 15.98
C ILE A 181 -4.58 -13.69 15.07
N LEU A 182 -4.29 -13.09 13.94
CA LEU A 182 -3.33 -13.66 13.02
C LEU A 182 -1.92 -13.57 13.58
N ASN A 183 -1.67 -12.55 14.39
CA ASN A 183 -0.35 -12.36 14.96
C ASN A 183 0.74 -12.52 13.86
N PRO A 184 0.72 -11.64 12.86
CA PRO A 184 1.65 -11.65 11.73
C PRO A 184 3.03 -11.12 12.08
N VAL A 185 4.00 -11.43 11.25
CA VAL A 185 5.36 -10.97 11.45
C VAL A 185 5.52 -9.56 10.90
N ALA A 186 4.60 -9.17 10.02
CA ALA A 186 4.59 -7.85 9.40
C ALA A 186 3.20 -7.60 8.85
N SER A 187 2.88 -6.35 8.57
CA SER A 187 1.57 -6.02 8.03
C SER A 187 1.56 -4.72 7.27
N SER A 188 0.72 -4.67 6.24
CA SER A 188 0.51 -3.47 5.46
C SER A 188 -0.99 -3.26 5.62
N LEU A 189 -1.39 -2.10 6.13
CA LEU A 189 -2.79 -1.79 6.36
C LEU A 189 -3.22 -0.51 5.67
N LYS A 190 -4.43 -0.54 5.13
CA LYS A 190 -5.03 0.61 4.46
C LYS A 190 -5.19 1.65 5.58
N TRP A 191 -4.79 2.89 5.33
CA TRP A 191 -4.90 3.89 6.36
C TRP A 191 -5.22 5.29 5.85
N ARG A 192 -6.45 5.74 6.11
CA ARG A 192 -6.85 7.08 5.73
C ARG A 192 -7.55 7.64 6.99
N CYS A 193 -7.03 8.72 7.52
CA CYS A 193 -7.62 9.27 8.73
C CYS A 193 -8.98 9.90 8.45
N PRO A 194 -9.96 9.67 9.33
CA PRO A 194 -11.28 10.27 9.12
C PRO A 194 -11.11 11.80 9.09
N PHE A 195 -12.03 12.52 8.46
CA PHE A 195 -11.90 13.97 8.41
C PHE A 195 -12.27 14.61 9.74
N PRO A 196 -11.49 15.61 10.19
CA PRO A 196 -11.77 16.25 11.47
C PRO A 196 -13.23 16.71 11.64
N ASP A 197 -13.83 17.22 10.57
CA ASP A 197 -15.22 17.67 10.61
C ASP A 197 -16.26 16.54 10.73
N GLN A 198 -15.79 15.30 10.69
CA GLN A 198 -16.66 14.14 10.79
C GLN A 198 -16.07 13.26 11.89
N TRP A 199 -15.44 13.89 12.87
CA TRP A 199 -14.83 13.13 13.95
C TRP A 199 -15.90 12.46 14.81
N ILE A 200 -15.68 11.22 15.22
CA ILE A 200 -16.62 10.51 16.08
C ILE A 200 -15.96 10.23 17.42
N LYS A 201 -14.75 9.70 17.37
CA LYS A 201 -14.01 9.39 18.58
C LYS A 201 -12.57 9.06 18.24
N ASP A 202 -11.73 9.23 19.24
CA ASP A 202 -10.30 8.95 19.16
C ASP A 202 -10.15 7.42 19.10
N PHE A 203 -9.10 6.93 18.45
CA PHE A 203 -8.91 5.48 18.39
C PHE A 203 -7.44 5.15 18.23
N TYR A 204 -7.12 3.86 18.24
CA TYR A 204 -5.73 3.43 18.10
C TYR A 204 -5.51 2.63 16.82
N ILE A 205 -4.37 2.89 16.19
CA ILE A 205 -3.97 2.18 14.98
C ILE A 205 -2.60 1.56 15.32
N PRO A 206 -2.19 0.48 14.62
CA PRO A 206 -0.88 -0.04 15.01
C PRO A 206 0.21 0.92 14.65
N HIS A 207 1.29 0.87 15.39
CA HIS A 207 2.41 1.73 15.10
C HIS A 207 3.09 1.14 13.85
N GLY A 208 3.48 2.01 12.92
CA GLY A 208 4.17 1.57 11.71
C GLY A 208 4.59 2.80 10.92
N ASN A 209 5.17 2.58 9.74
CA ASN A 209 5.58 3.69 8.89
C ASN A 209 4.40 4.04 8.01
N LYS A 210 4.10 5.33 7.86
CA LYS A 210 2.99 5.80 7.05
C LYS A 210 3.50 5.97 5.65
N MET A 211 3.51 4.89 4.88
CA MET A 211 3.99 4.95 3.51
C MET A 211 3.05 5.74 2.59
N LEU A 212 3.63 6.72 1.92
CA LEU A 212 2.91 7.55 0.96
C LEU A 212 2.77 6.75 -0.36
N GLN A 213 1.70 7.01 -1.09
CA GLN A 213 1.40 6.29 -2.31
C GLN A 213 1.38 7.03 -3.64
N PRO A 214 2.39 6.79 -4.51
CA PRO A 214 2.34 7.47 -5.81
C PRO A 214 1.14 6.88 -6.57
N PHE A 215 0.54 7.68 -7.44
CA PHE A 215 -0.63 7.27 -8.22
C PHE A 215 -1.90 7.02 -7.42
N ALA A 216 -1.96 7.60 -6.22
CA ALA A 216 -3.17 7.55 -5.40
C ALA A 216 -4.12 8.54 -6.12
N PRO A 217 -5.43 8.51 -5.79
CA PRO A 217 -6.27 9.48 -6.50
C PRO A 217 -5.74 10.90 -6.21
N SER A 218 -5.96 11.82 -7.13
CA SER A 218 -5.51 13.21 -7.02
C SER A 218 -5.52 13.87 -5.64
N TYR A 219 -6.62 13.73 -4.89
CA TYR A 219 -6.73 14.33 -3.58
C TYR A 219 -6.91 13.35 -2.45
N SER A 220 -6.54 12.10 -2.69
CA SER A 220 -6.64 11.08 -1.65
C SER A 220 -5.70 11.36 -0.45
N ALA A 221 -6.18 11.06 0.75
CA ALA A 221 -5.40 11.23 1.98
C ALA A 221 -5.00 9.86 2.49
N GLU A 222 -5.11 8.84 1.65
CA GLU A 222 -4.77 7.45 2.01
C GLU A 222 -3.28 7.12 1.90
N MET A 223 -2.81 6.35 2.87
CA MET A 223 -1.43 5.90 2.89
C MET A 223 -1.54 4.45 3.34
N ARG A 224 -0.40 3.79 3.44
CA ARG A 224 -0.40 2.39 3.88
C ARG A 224 0.45 2.33 5.15
N LEU A 225 -0.07 1.68 6.18
CA LEU A 225 0.63 1.54 7.44
C LEU A 225 1.43 0.23 7.39
N LEU A 226 2.76 0.36 7.37
CA LEU A 226 3.69 -0.76 7.28
C LEU A 226 4.31 -1.06 8.64
N SER A 227 4.13 -2.27 9.13
CA SER A 227 4.65 -2.64 10.44
C SER A 227 5.32 -4.00 10.45
N ILE A 228 6.35 -4.13 11.27
CA ILE A 228 7.08 -5.39 11.43
C ILE A 228 7.00 -5.67 12.91
N TYR A 229 6.58 -6.87 13.27
CA TYR A 229 6.39 -7.24 14.65
C TYR A 229 7.49 -8.05 15.31
N THR A 230 8.20 -7.37 16.21
CA THR A 230 9.29 -7.95 16.97
C THR A 230 8.69 -8.35 18.31
N GLY A 231 9.31 -9.30 19.00
CA GLY A 231 8.81 -9.73 20.29
C GLY A 231 7.36 -10.16 20.25
N GLU A 232 6.73 -10.17 21.42
CA GLU A 232 5.33 -10.57 21.54
C GLU A 232 4.49 -9.33 21.89
N ASN A 233 5.10 -8.17 21.72
CA ASN A 233 4.43 -6.91 22.02
C ASN A 233 3.74 -6.38 20.79
N MET A 234 2.74 -5.54 21.04
CA MET A 234 1.98 -4.91 19.99
C MET A 234 1.87 -3.47 20.46
N ARG A 235 2.41 -2.55 19.67
CA ARG A 235 2.34 -1.15 19.99
C ARG A 235 1.29 -0.45 19.13
N LEU A 236 0.40 0.27 19.80
CA LEU A 236 -0.66 1.00 19.13
C LEU A 236 -0.36 2.47 19.35
N THR A 237 -1.08 3.32 18.64
CA THR A 237 -0.92 4.75 18.77
C THR A 237 -2.30 5.39 18.64
N ARG A 238 -2.59 6.32 19.55
CA ARG A 238 -3.88 7.01 19.58
C ARG A 238 -3.96 8.07 18.48
N VAL A 239 -5.12 8.18 17.84
CA VAL A 239 -5.35 9.18 16.80
C VAL A 239 -6.53 10.03 17.25
N THR A 240 -6.27 11.32 17.37
CA THR A 240 -7.24 12.30 17.83
C THR A 240 -7.68 13.20 16.70
N LYS A 241 -8.67 14.03 16.97
CA LYS A 241 -9.19 14.96 15.96
C LYS A 241 -8.11 15.94 15.53
N SER A 242 -7.22 16.32 16.45
CA SER A 242 -6.16 17.24 16.08
C SER A 242 -5.21 16.56 15.08
N ASP A 243 -5.02 15.25 15.25
CA ASP A 243 -4.19 14.46 14.35
C ASP A 243 -4.92 14.48 13.01
N ALA A 244 -6.23 14.29 13.07
CA ALA A 244 -7.04 14.32 11.88
C ALA A 244 -6.93 15.65 11.13
N VAL A 245 -6.76 16.75 11.86
CA VAL A 245 -6.65 18.07 11.21
C VAL A 245 -5.33 18.17 10.48
N ASN A 246 -4.31 17.63 11.12
CA ASN A 246 -2.97 17.64 10.58
C ASN A 246 -2.88 16.77 9.31
N TYR A 247 -3.41 15.55 9.37
CA TYR A 247 -3.41 14.61 8.23
C TYR A 247 -4.01 15.28 7.03
N GLU A 248 -5.14 15.94 7.25
CA GLU A 248 -5.88 16.66 6.22
C GLU A 248 -5.08 17.78 5.55
N LYS A 249 -4.37 18.56 6.36
CA LYS A 249 -3.60 19.67 5.83
C LYS A 249 -2.27 19.25 5.17
N LYS A 250 -1.59 18.26 5.76
CA LYS A 250 -0.33 17.78 5.19
C LYS A 250 -0.64 17.10 3.85
N MET A 251 -1.63 16.21 3.85
CA MET A 251 -2.03 15.50 2.63
C MET A 251 -2.57 16.47 1.58
N TYR A 252 -3.26 17.53 1.99
CA TYR A 252 -3.79 18.48 1.04
C TYR A 252 -2.65 19.24 0.38
N TYR A 253 -1.63 19.54 1.16
CA TYR A 253 -0.47 20.24 0.65
C TYR A 253 0.26 19.33 -0.37
N LEU A 254 0.51 18.07 0.03
CA LEU A 254 1.16 17.11 -0.84
C LEU A 254 0.44 16.95 -2.20
N ASN A 255 -0.89 16.79 -2.14
CA ASN A 255 -1.72 16.60 -3.32
C ASN A 255 -1.86 17.81 -4.21
N LYS A 256 -2.20 18.94 -3.62
CA LYS A 256 -2.38 20.16 -4.37
C LYS A 256 -1.09 20.74 -4.94
N ILE A 257 -0.05 20.75 -4.11
CA ILE A 257 1.20 21.37 -4.53
C ILE A 257 2.27 20.46 -5.07
N VAL A 258 2.75 19.57 -4.22
CA VAL A 258 3.84 18.65 -4.54
C VAL A 258 3.59 17.72 -5.71
N ARG A 259 2.52 16.94 -5.63
CA ARG A 259 2.21 15.99 -6.67
C ARG A 259 1.94 16.65 -7.98
N ASN A 260 1.86 17.98 -7.98
CA ASN A 260 1.64 18.71 -9.21
C ASN A 260 2.96 19.28 -9.81
N LYS A 261 4.09 18.90 -9.23
CA LYS A 261 5.40 19.37 -9.68
C LYS A 261 6.04 18.52 -10.78
N VAL A 262 6.79 19.19 -11.68
CA VAL A 262 7.55 18.53 -12.73
C VAL A 262 9.00 18.65 -12.26
N VAL A 263 9.54 17.57 -11.72
CA VAL A 263 10.91 17.51 -11.20
C VAL A 263 11.90 17.53 -12.40
N VAL A 264 12.22 18.74 -12.87
CA VAL A 264 13.11 18.94 -14.04
C VAL A 264 14.53 18.43 -13.91
N ASN A 265 15.04 18.27 -12.69
CA ASN A 265 16.37 17.74 -12.53
C ASN A 265 16.31 16.20 -12.42
N PHE A 266 15.15 15.62 -12.71
CA PHE A 266 14.94 14.16 -12.69
C PHE A 266 15.03 13.77 -14.17
N ASP A 267 16.13 13.13 -14.52
CA ASP A 267 16.36 12.72 -15.88
C ASP A 267 15.69 11.37 -15.97
N TYR A 268 14.50 11.37 -16.53
CA TYR A 268 13.74 10.16 -16.66
C TYR A 268 12.71 10.51 -17.71
N PRO A 269 12.27 9.51 -18.48
CA PRO A 269 11.27 9.68 -19.55
C PRO A 269 10.04 10.46 -19.08
N ASN A 270 9.74 10.34 -17.79
CA ASN A 270 8.63 11.09 -17.23
C ASN A 270 9.10 11.73 -15.95
N GLN A 271 8.98 13.04 -15.90
CA GLN A 271 9.46 13.78 -14.77
C GLN A 271 8.39 14.23 -13.77
N GLU A 272 7.13 13.93 -14.05
CA GLU A 272 6.06 14.28 -13.13
C GLU A 272 6.40 13.71 -11.74
N TYR A 273 6.02 14.44 -10.69
CA TYR A 273 6.29 14.01 -9.34
C TYR A 273 6.03 12.52 -9.04
N ASP A 274 4.84 12.02 -9.41
CA ASP A 274 4.47 10.60 -9.15
C ASP A 274 5.46 9.56 -9.73
N TYR A 275 6.09 9.87 -10.87
CA TYR A 275 7.09 8.98 -11.48
C TYR A 275 8.41 9.10 -10.71
N PHE A 276 8.68 10.30 -10.21
CA PHE A 276 9.86 10.57 -9.40
C PHE A 276 9.69 9.78 -8.12
N HIS A 277 8.48 9.83 -7.57
CA HIS A 277 8.16 9.12 -6.33
C HIS A 277 8.18 7.59 -6.61
N MET A 278 7.63 7.18 -7.76
CA MET A 278 7.63 5.76 -8.14
C MET A 278 9.06 5.22 -8.28
N TYR A 279 9.94 6.03 -8.87
CA TYR A 279 11.35 5.67 -9.04
C TYR A 279 11.98 5.28 -7.73
N PHE A 280 11.75 6.08 -6.69
CA PHE A 280 12.32 5.76 -5.38
C PHE A 280 11.82 4.48 -4.74
N MET A 281 10.60 4.06 -5.04
CA MET A 281 10.10 2.80 -4.48
C MET A 281 10.67 1.65 -5.31
N LEU A 282 10.63 1.80 -6.63
CA LEU A 282 11.14 0.78 -7.54
C LEU A 282 12.63 0.52 -7.44
N ARG A 283 13.41 1.53 -7.06
CA ARG A 283 14.84 1.34 -6.93
C ARG A 283 15.16 0.37 -5.80
N THR A 284 14.21 0.13 -4.90
CA THR A 284 14.42 -0.79 -3.79
C THR A 284 14.09 -2.28 -4.10
N VAL A 285 13.55 -2.49 -5.29
CA VAL A 285 13.13 -3.81 -5.77
C VAL A 285 14.28 -4.64 -6.37
N TYR A 286 14.32 -5.93 -6.00
CA TYR A 286 15.35 -6.88 -6.46
C TYR A 286 14.95 -7.56 -7.77
N CYS A 287 15.89 -7.61 -8.70
CA CYS A 287 15.68 -8.26 -10.00
C CYS A 287 16.73 -9.33 -10.23
N ASN A 288 16.44 -10.28 -11.11
CA ASN A 288 17.42 -11.32 -11.44
C ASN A 288 18.42 -10.70 -12.43
N LYS A 289 17.89 -9.94 -13.38
CA LYS A 289 18.71 -9.30 -14.39
C LYS A 289 19.63 -8.29 -13.71
N THR A 290 20.86 -8.20 -14.20
CA THR A 290 21.82 -7.25 -13.64
C THR A 290 21.79 -6.05 -14.52
N PHE A 291 21.77 -4.87 -13.91
CA PHE A 291 21.72 -3.62 -14.66
C PHE A 291 22.93 -2.73 -14.36
N PRO A 292 23.35 -1.90 -15.33
CA PRO A 292 24.51 -1.02 -15.17
C PRO A 292 24.21 0.21 -14.32
N THR A 293 22.92 0.54 -14.18
CA THR A 293 22.50 1.70 -13.38
C THR A 293 21.14 1.48 -12.75
N THR A 294 20.88 2.17 -11.64
CA THR A 294 19.59 2.08 -10.98
C THR A 294 18.53 2.54 -11.97
N LYS A 295 18.86 3.57 -12.76
CA LYS A 295 17.94 4.10 -13.75
C LYS A 295 17.45 3.05 -14.75
N ALA A 296 18.36 2.15 -15.16
CA ALA A 296 18.03 1.07 -16.09
C ALA A 296 17.11 0.04 -15.42
N LYS A 297 17.39 -0.28 -14.17
CA LYS A 297 16.53 -1.23 -13.47
C LYS A 297 15.10 -0.70 -13.36
N VAL A 298 14.99 0.54 -12.88
CA VAL A 298 13.70 1.19 -12.71
C VAL A 298 12.92 1.30 -14.02
N LEU A 299 13.55 1.80 -15.07
CA LEU A 299 12.86 1.88 -16.35
C LEU A 299 12.34 0.50 -16.70
N PHE A 300 13.16 -0.51 -16.47
CA PHE A 300 12.78 -1.87 -16.77
C PHE A 300 11.56 -2.29 -15.93
N LEU A 301 11.66 -2.16 -14.62
CA LEU A 301 10.55 -2.52 -13.73
C LEU A 301 9.26 -1.75 -14.07
N GLN A 302 9.39 -0.47 -14.39
CA GLN A 302 8.23 0.33 -14.72
C GLN A 302 7.62 -0.12 -16.04
N GLN A 303 8.45 -0.33 -17.06
CA GLN A 303 7.97 -0.80 -18.36
C GLN A 303 7.20 -2.11 -18.16
N SER A 304 7.83 -2.99 -17.41
CA SER A 304 7.29 -4.28 -17.07
C SER A 304 5.93 -4.16 -16.37
N ILE A 305 5.88 -3.31 -15.36
CA ILE A 305 4.67 -3.10 -14.59
C ILE A 305 3.56 -2.51 -15.46
N PHE A 306 3.90 -1.50 -16.26
CA PHE A 306 2.89 -0.90 -17.11
C PHE A 306 2.41 -1.89 -18.19
N ARG A 307 3.30 -2.68 -18.76
CA ARG A 307 2.87 -3.64 -19.76
C ARG A 307 1.89 -4.62 -19.12
N PHE A 308 2.26 -5.15 -17.95
CA PHE A 308 1.41 -6.10 -17.26
C PHE A 308 0.01 -5.53 -17.02
N LEU A 309 -0.06 -4.30 -16.52
CA LEU A 309 -1.35 -3.70 -16.22
C LEU A 309 -2.09 -3.11 -17.41
N ASN A 310 -1.45 -3.13 -18.58
CA ASN A 310 -2.05 -2.62 -19.81
C ASN A 310 -2.16 -1.10 -19.77
N ILE A 311 -1.16 -0.48 -19.16
CA ILE A 311 -1.10 0.97 -19.07
C ILE A 311 -0.13 1.38 -20.16
N PRO A 312 -0.58 2.19 -21.13
CA PRO A 312 0.24 2.66 -22.25
C PRO A 312 1.62 3.21 -21.87
#